data_8OED
#
_entry.id   8OED
#
_cell.length_a   95.879
_cell.length_b   63.995
_cell.length_c   87.708
_cell.angle_alpha   90.00
_cell.angle_beta   90.00
_cell.angle_gamma   90.00
#
_symmetry.space_group_name_H-M   'P 21 21 2'
#
loop_
_entity.id
_entity.type
_entity.pdbx_description
1 polymer 'Ferulic acid decarboxylase 1'
2 non-polymer 'hydroxylated prenyl-FMN'
3 non-polymer 'MANGANESE (II) ION'
4 non-polymer 'POTASSIUM ION'
5 non-polymer 'THIOCYANATE ION'
6 water water
#
_entity_poly.entity_id   1
_entity_poly.type   'polypeptide(L)'
_entity_poly.pdbx_seq_one_letter_code
;MSAQPAHLCFRSFVEALKVDNDLVEINTPIDPNLEAAAITRRVCETNDKAPLFNNLIGMKNGLFRILGAPGSLRKSSADR
YGRLARHLALPPTASMREILDKMLSASDMPPIPPTIVPTGPCKENSLDDSEFDLTELPVPLIHKCDGGKYIQTYGMHIVQ
SPDGTWTNWSIARAMVHDKNHLTGLVIPPQHIWQIHQMWKKEGRSDVPWALAFGVPPAAIMASSMPIPDGVTEAGYVGAM
TGSSLELVKCDTNDLYVPATSEIVLEGTLSISETGPEGPFGEMHGYIFCGDTHLGAKYKVNRITYRNNAIMPMSSCGRLT
DETHTMIGSLAAAEIRKLCQQNDLPITDAFAPFESQVTWVALRVDTEKLRAMKTTSEGFRKRVGDVVFNHKAGYTIHRLV
LVGDDIDVYEGKDVLWAFSTRCRPGMDETLFEDVRGFPLIPYMGHGNGPAHRGGKVVSDALMPTEYTTGRNWEAADFNQS
YPEDLKQKVLDNWTKMGFSNLEHHHHHH
;
_entity_poly.pdbx_strand_id   A
#
loop_
_chem_comp.id
_chem_comp.type
_chem_comp.name
_chem_comp.formula
BYN non-polymer 'hydroxylated prenyl-FMN' 'C22 H31 N4 O10 P'
K non-polymer 'POTASSIUM ION' 'K 1'
MN non-polymer 'MANGANESE (II) ION' 'Mn 2'
SCN non-polymer 'THIOCYANATE ION' 'C N S -1'
#
# COMPACT_ATOMS: atom_id res chain seq x y z
N PRO A 5 9.78 19.71 5.86
CA PRO A 5 10.40 18.59 5.12
C PRO A 5 9.44 17.77 4.29
N ALA A 6 9.98 17.13 3.24
CA ALA A 6 9.16 16.40 2.26
C ALA A 6 8.30 15.30 2.89
N HIS A 7 8.80 14.60 3.91
CA HIS A 7 8.03 13.53 4.52
C HIS A 7 6.85 14.01 5.34
N LEU A 8 6.88 15.30 5.72
CA LEU A 8 5.87 15.90 6.55
C LEU A 8 4.95 16.88 5.83
N CYS A 9 5.16 17.15 4.56
CA CYS A 9 4.37 18.11 3.82
C CYS A 9 4.36 17.69 2.35
N PHE A 10 3.16 17.42 1.82
CA PHE A 10 3.01 16.93 0.46
C PHE A 10 3.53 17.95 -0.56
N ARG A 11 3.32 19.26 -0.34
CA ARG A 11 3.81 20.23 -1.30
C ARG A 11 5.33 20.15 -1.38
N SER A 12 5.99 19.99 -0.22
CA SER A 12 7.44 19.83 -0.18
C SER A 12 7.91 18.54 -0.85
N PHE A 13 7.13 17.47 -0.71
CA PHE A 13 7.35 16.21 -1.41
C PHE A 13 7.35 16.37 -2.93
N VAL A 14 6.39 17.11 -3.47
CA VAL A 14 6.38 17.38 -4.91
C VAL A 14 7.65 18.13 -5.33
N GLU A 15 8.08 19.11 -4.56
N GLU A 15 8.07 19.12 -4.51
CA GLU A 15 9.30 19.79 -4.93
CA GLU A 15 9.29 19.88 -4.74
C GLU A 15 10.50 18.85 -4.82
C GLU A 15 10.49 18.95 -4.72
N ALA A 16 10.49 17.94 -3.84
CA ALA A 16 11.56 16.97 -3.74
C ALA A 16 11.67 16.12 -5.01
N LEU A 17 10.52 15.67 -5.53
CA LEU A 17 10.54 14.90 -6.75
C LEU A 17 11.11 15.75 -7.89
N LYS A 18 10.71 17.02 -7.96
CA LYS A 18 11.24 17.91 -9.00
C LYS A 18 12.77 17.93 -8.90
N VAL A 19 13.28 18.21 -7.71
CA VAL A 19 14.71 18.37 -7.52
C VAL A 19 15.47 17.07 -7.80
N ASP A 20 14.83 15.91 -7.58
CA ASP A 20 15.36 14.60 -7.90
C ASP A 20 15.37 14.29 -9.42
N ASN A 21 14.80 15.19 -10.24
CA ASN A 21 14.63 14.90 -11.67
C ASN A 21 13.76 13.64 -11.82
N ASP A 22 12.69 13.63 -11.01
CA ASP A 22 11.77 12.50 -10.94
C ASP A 22 10.33 12.97 -11.16
N LEU A 23 10.15 14.08 -11.88
N LEU A 23 10.16 14.15 -11.77
CA LEU A 23 8.83 14.67 -12.06
CA LEU A 23 8.87 14.80 -12.02
C LEU A 23 8.80 15.39 -13.39
C LEU A 23 8.86 15.31 -13.47
N VAL A 24 7.71 15.18 -14.13
CA VAL A 24 7.43 15.86 -15.37
C VAL A 24 6.22 16.76 -15.15
N GLU A 25 6.43 18.07 -15.26
CA GLU A 25 5.35 19.03 -15.16
C GLU A 25 4.72 19.23 -16.54
N ILE A 26 3.42 18.99 -16.61
CA ILE A 26 2.68 19.15 -17.86
C ILE A 26 1.77 20.35 -17.68
N ASN A 27 2.10 21.47 -18.38
CA ASN A 27 1.45 22.73 -18.15
C ASN A 27 0.43 23.05 -19.25
N THR A 28 0.30 22.19 -20.27
CA THR A 28 -0.72 22.30 -21.30
C THR A 28 -1.98 21.55 -20.86
N PRO A 29 -3.15 21.83 -21.44
CA PRO A 29 -4.38 21.23 -20.95
C PRO A 29 -4.41 19.71 -21.10
N ILE A 30 -4.78 19.04 -19.99
CA ILE A 30 -4.91 17.59 -19.98
C ILE A 30 -6.31 17.27 -19.48
N ASP A 31 -6.95 16.29 -20.11
CA ASP A 31 -8.31 15.92 -19.78
C ASP A 31 -8.34 14.99 -18.57
N PRO A 32 -9.06 15.32 -17.47
CA PRO A 32 -9.22 14.33 -16.42
C PRO A 32 -10.03 13.13 -16.86
N ASN A 33 -10.82 13.27 -17.94
CA ASN A 33 -11.49 12.10 -18.48
C ASN A 33 -10.47 11.26 -19.26
N LEU A 34 -9.94 10.23 -18.57
CA LEU A 34 -9.02 9.23 -19.10
C LEU A 34 -7.60 9.70 -19.41
N GLU A 35 -7.35 10.91 -19.93
CA GLU A 35 -6.03 11.27 -20.40
C GLU A 35 -5.00 11.29 -19.27
N ALA A 36 -5.34 11.98 -18.16
CA ALA A 36 -4.37 12.04 -17.06
C ALA A 36 -4.02 10.64 -16.59
N ALA A 37 -5.04 9.78 -16.41
CA ALA A 37 -4.83 8.42 -15.93
C ALA A 37 -4.08 7.57 -16.95
N ALA A 38 -4.27 7.81 -18.25
CA ALA A 38 -3.57 7.05 -19.27
C ALA A 38 -2.08 7.36 -19.26
N ILE A 39 -1.74 8.65 -19.15
CA ILE A 39 -0.35 9.08 -19.04
C ILE A 39 0.23 8.43 -17.79
N THR A 40 -0.52 8.48 -16.67
CA THR A 40 -0.03 7.92 -15.41
C THR A 40 0.18 6.40 -15.52
N ARG A 41 -0.75 5.75 -16.20
CA ARG A 41 -0.68 4.30 -16.39
C ARG A 41 0.60 3.91 -17.12
N ARG A 42 0.90 4.66 -18.18
CA ARG A 42 2.09 4.40 -18.95
C ARG A 42 3.36 4.67 -18.14
N VAL A 43 3.35 5.75 -17.34
CA VAL A 43 4.43 5.98 -16.41
C VAL A 43 4.65 4.74 -15.54
N CYS A 44 3.55 4.21 -14.94
CA CYS A 44 3.67 3.10 -14.00
C CYS A 44 4.17 1.82 -14.67
N GLU A 45 3.77 1.59 -15.93
CA GLU A 45 4.16 0.41 -16.67
C GLU A 45 5.61 0.49 -17.13
N THR A 46 6.18 1.70 -17.16
CA THR A 46 7.52 1.88 -17.65
C THR A 46 8.48 2.47 -16.63
N ASN A 47 8.06 2.65 -15.37
CA ASN A 47 8.86 3.22 -14.30
C ASN A 47 9.40 4.62 -14.64
N ASP A 48 8.59 5.45 -15.32
CA ASP A 48 9.02 6.79 -15.70
C ASP A 48 8.81 7.74 -14.52
N LYS A 49 9.14 9.01 -14.78
CA LYS A 49 8.98 10.10 -13.85
C LYS A 49 7.50 10.33 -13.54
N ALA A 50 7.24 10.79 -12.30
CA ALA A 50 5.89 11.09 -11.88
C ALA A 50 5.36 12.28 -12.67
N PRO A 51 4.11 12.22 -13.16
CA PRO A 51 3.53 13.36 -13.88
C PRO A 51 2.77 14.29 -12.96
N LEU A 52 2.99 15.60 -13.15
CA LEU A 52 2.24 16.62 -12.42
C LEU A 52 1.48 17.42 -13.47
N PHE A 53 0.18 17.28 -13.42
CA PHE A 53 -0.74 17.91 -14.35
C PHE A 53 -1.14 19.24 -13.73
N ASN A 54 -0.52 20.33 -14.24
CA ASN A 54 -0.80 21.66 -13.73
C ASN A 54 -1.96 22.35 -14.44
N ASN A 55 -2.48 21.78 -15.49
CA ASN A 55 -3.48 22.44 -16.34
C ASN A 55 -4.54 21.41 -16.68
N LEU A 56 -5.41 21.11 -15.72
CA LEU A 56 -6.38 20.05 -15.85
C LEU A 56 -7.67 20.67 -16.36
N ILE A 57 -8.19 20.14 -17.47
CA ILE A 57 -9.42 20.69 -18.04
C ILE A 57 -10.57 20.55 -17.03
N GLY A 58 -11.22 21.70 -16.74
CA GLY A 58 -12.32 21.70 -15.78
C GLY A 58 -11.93 22.14 -14.37
N MET A 59 -10.64 22.46 -14.14
N MET A 59 -10.66 22.43 -14.14
CA MET A 59 -10.16 23.00 -12.87
CA MET A 59 -10.33 23.05 -12.89
C MET A 59 -10.69 24.42 -12.69
C MET A 59 -11.24 24.26 -12.69
N LYS A 60 -11.21 24.73 -11.47
CA LYS A 60 -11.90 25.98 -11.21
C LYS A 60 -11.75 26.29 -9.75
N ASN A 61 -11.59 27.60 -9.47
CA ASN A 61 -11.55 28.05 -8.09
C ASN A 61 -10.41 27.34 -7.38
N GLY A 62 -9.37 26.94 -8.13
CA GLY A 62 -8.18 26.35 -7.58
C GLY A 62 -8.31 24.82 -7.39
N LEU A 63 -9.41 24.18 -7.80
CA LEU A 63 -9.54 22.74 -7.62
C LEU A 63 -9.57 22.09 -9.00
N PHE A 64 -8.56 21.29 -9.35
CA PHE A 64 -7.30 21.00 -8.65
C PHE A 64 -6.31 20.54 -9.72
N ARG A 65 -5.02 20.51 -9.37
CA ARG A 65 -3.95 19.86 -10.15
C ARG A 65 -3.94 18.39 -9.77
N ILE A 66 -3.27 17.54 -10.57
CA ILE A 66 -3.12 16.13 -10.18
C ILE A 66 -1.65 15.74 -10.21
N LEU A 67 -1.18 15.00 -9.21
CA LEU A 67 0.09 14.26 -9.28
C LEU A 67 -0.21 12.79 -9.39
N GLY A 68 0.21 12.18 -10.48
CA GLY A 68 0.10 10.76 -10.66
C GLY A 68 1.33 10.01 -10.16
N ALA A 69 1.15 8.71 -9.95
CA ALA A 69 2.25 7.79 -9.64
C ALA A 69 3.07 8.24 -8.42
N PRO A 70 2.45 8.69 -7.32
CA PRO A 70 3.25 9.21 -6.20
C PRO A 70 4.17 8.22 -5.49
N GLY A 71 3.82 6.91 -5.57
CA GLY A 71 4.56 5.89 -4.83
C GLY A 71 5.01 4.77 -5.77
N SER A 72 5.19 5.09 -7.06
CA SER A 72 5.57 4.12 -8.07
C SER A 72 7.10 4.06 -8.17
N LEU A 73 7.60 3.21 -9.08
CA LEU A 73 9.02 2.88 -9.14
C LEU A 73 9.75 3.79 -10.13
N ARG A 74 11.04 3.98 -9.83
CA ARG A 74 11.96 4.64 -10.75
C ARG A 74 12.67 3.59 -11.61
N LYS A 75 13.23 4.03 -12.74
CA LYS A 75 13.76 3.14 -13.76
C LYS A 75 15.06 2.48 -13.28
N SER A 76 15.91 3.27 -12.64
CA SER A 76 17.23 2.76 -12.27
C SER A 76 17.16 1.81 -11.07
N SER A 77 18.01 0.79 -11.04
CA SER A 77 18.00 -0.12 -9.91
C SER A 77 18.52 0.58 -8.66
N ALA A 78 19.43 1.54 -8.81
CA ALA A 78 20.09 2.14 -7.66
C ALA A 78 19.11 2.94 -6.80
N ASP A 79 18.12 3.59 -7.43
CA ASP A 79 17.14 4.37 -6.65
C ASP A 79 15.73 3.93 -7.02
N ARG A 80 15.55 2.65 -7.31
CA ARG A 80 14.28 2.04 -7.70
C ARG A 80 13.13 2.51 -6.78
N TYR A 81 13.40 2.52 -5.45
CA TYR A 81 12.39 2.80 -4.43
C TYR A 81 12.49 4.23 -3.93
N GLY A 82 13.14 5.11 -4.71
CA GLY A 82 13.40 6.48 -4.27
C GLY A 82 12.13 7.28 -3.96
N ARG A 83 11.04 7.07 -4.70
CA ARG A 83 9.82 7.80 -4.44
C ARG A 83 9.25 7.37 -3.07
N LEU A 84 9.35 6.08 -2.67
CA LEU A 84 8.97 5.65 -1.33
C LEU A 84 9.93 6.23 -0.26
N ALA A 85 11.24 6.21 -0.55
CA ALA A 85 12.20 6.78 0.39
C ALA A 85 11.86 8.23 0.68
N ARG A 86 11.41 8.97 -0.36
CA ARG A 86 11.07 10.38 -0.18
C ARG A 86 9.79 10.58 0.63
N HIS A 87 9.01 9.50 0.87
CA HIS A 87 7.87 9.58 1.80
C HIS A 87 8.33 9.57 3.26
N LEU A 88 9.61 9.23 3.52
CA LEU A 88 10.06 8.78 4.83
C LEU A 88 11.37 9.42 5.31
N ALA A 89 11.94 10.38 4.59
CA ALA A 89 13.19 11.07 4.96
C ALA A 89 14.37 10.13 4.78
N LEU A 90 14.20 9.04 4.04
CA LEU A 90 15.29 8.12 3.77
C LEU A 90 16.07 8.53 2.53
N PRO A 91 17.38 8.16 2.43
CA PRO A 91 18.14 8.38 1.21
C PRO A 91 17.43 7.75 0.01
N PRO A 92 17.46 8.33 -1.19
CA PRO A 92 16.72 7.77 -2.31
C PRO A 92 17.21 6.38 -2.76
N THR A 93 18.43 6.00 -2.37
CA THR A 93 19.01 4.71 -2.62
C THR A 93 18.63 3.65 -1.57
N ALA A 94 17.75 3.99 -0.64
CA ALA A 94 17.33 3.07 0.39
C ALA A 94 16.80 1.76 -0.23
N SER A 95 17.13 0.65 0.44
CA SER A 95 16.64 -0.65 0.07
C SER A 95 15.22 -0.85 0.60
N MET A 96 14.55 -1.86 0.06
N MET A 96 14.52 -1.86 0.09
CA MET A 96 13.24 -2.23 0.54
CA MET A 96 13.18 -2.14 0.60
C MET A 96 13.32 -2.62 2.02
C MET A 96 13.29 -2.66 2.05
N ARG A 97 14.36 -3.37 2.40
CA ARG A 97 14.52 -3.76 3.79
C ARG A 97 14.55 -2.51 4.68
N GLU A 98 15.28 -1.46 4.25
CA GLU A 98 15.40 -0.23 5.01
C GLU A 98 14.08 0.51 5.10
N ILE A 99 13.33 0.56 4.01
CA ILE A 99 12.01 1.19 4.00
C ILE A 99 11.06 0.44 4.93
N LEU A 100 11.02 -0.90 4.84
CA LEU A 100 10.08 -1.60 5.70
C LEU A 100 10.50 -1.55 7.16
N ASP A 101 11.79 -1.59 7.44
CA ASP A 101 12.24 -1.40 8.83
C ASP A 101 11.82 -0.03 9.34
N LYS A 102 11.88 1.01 8.50
CA LYS A 102 11.47 2.32 8.94
C LYS A 102 9.98 2.29 9.30
N MET A 103 9.18 1.66 8.40
CA MET A 103 7.75 1.53 8.62
C MET A 103 7.36 0.69 9.84
N LEU A 104 8.22 -0.26 10.28
CA LEU A 104 7.97 -1.08 11.46
C LEU A 104 8.58 -0.44 12.73
N SER A 105 9.44 0.57 12.60
CA SER A 105 10.22 1.04 13.75
C SER A 105 9.37 1.53 14.89
N ALA A 106 8.23 2.14 14.60
CA ALA A 106 7.35 2.69 15.63
C ALA A 106 6.62 1.61 16.43
N SER A 107 6.67 0.35 15.99
N SER A 107 6.62 0.36 15.93
CA SER A 107 5.92 -0.73 16.63
CA SER A 107 5.84 -0.68 16.59
C SER A 107 6.49 -1.10 18.01
C SER A 107 6.24 -0.80 18.05
N ASP A 108 7.70 -0.69 18.32
N ASP A 108 7.55 -0.61 18.30
CA ASP A 108 8.12 -0.84 19.72
CA ASP A 108 8.21 -0.87 19.57
C ASP A 108 8.67 0.49 20.22
C ASP A 108 8.33 0.38 20.45
N MET A 109 7.91 1.53 19.92
CA MET A 109 8.14 2.84 20.50
C MET A 109 6.85 3.38 21.10
N PRO A 110 6.90 4.25 22.13
CA PRO A 110 5.71 4.94 22.58
C PRO A 110 5.18 5.82 21.44
N PRO A 111 3.85 5.89 21.26
CA PRO A 111 3.26 6.84 20.33
C PRO A 111 3.69 8.26 20.65
N ILE A 112 3.81 9.10 19.63
CA ILE A 112 3.97 10.52 19.82
C ILE A 112 2.68 11.17 19.36
N PRO A 113 1.75 11.52 20.26
CA PRO A 113 0.46 12.06 19.83
C PRO A 113 0.66 13.35 19.05
N PRO A 114 -0.32 13.65 18.18
CA PRO A 114 -0.29 14.85 17.37
C PRO A 114 -0.47 16.11 18.20
N THR A 115 -0.05 17.21 17.59
CA THR A 115 -0.15 18.54 18.17
C THR A 115 -1.24 19.30 17.42
N ILE A 116 -2.20 19.91 18.15
CA ILE A 116 -3.23 20.73 17.53
C ILE A 116 -2.68 22.13 17.33
N VAL A 117 -2.84 22.66 16.13
CA VAL A 117 -2.48 24.01 15.78
C VAL A 117 -3.71 24.71 15.25
N PRO A 118 -3.77 26.07 15.36
CA PRO A 118 -5.02 26.75 15.07
C PRO A 118 -5.39 26.85 13.61
N THR A 119 -4.39 26.81 12.70
CA THR A 119 -4.65 26.88 11.28
C THR A 119 -3.50 26.23 10.51
N GLY A 120 -3.70 26.14 9.20
CA GLY A 120 -2.66 25.67 8.32
C GLY A 120 -3.02 25.87 6.87
N PRO A 121 -2.14 25.52 5.92
CA PRO A 121 -2.46 25.72 4.51
C PRO A 121 -3.77 25.12 3.97
N CYS A 122 -4.23 24.01 4.59
CA CYS A 122 -5.48 23.39 4.21
C CYS A 122 -6.71 24.26 4.45
N LYS A 123 -6.54 25.39 5.16
CA LYS A 123 -7.61 26.31 5.42
C LYS A 123 -7.52 27.54 4.53
N GLU A 124 -6.64 27.57 3.53
CA GLU A 124 -6.48 28.73 2.66
C GLU A 124 -7.73 29.08 1.89
N ASN A 125 -8.57 28.08 1.58
CA ASN A 125 -9.80 28.23 0.84
C ASN A 125 -10.85 27.28 1.40
N SER A 126 -12.12 27.65 1.26
CA SER A 126 -13.21 26.79 1.67
C SER A 126 -14.40 26.98 0.74
N LEU A 127 -15.17 25.89 0.60
CA LEU A 127 -16.46 25.86 -0.08
C LEU A 127 -17.47 25.17 0.84
N ASP A 128 -18.58 25.90 1.12
CA ASP A 128 -19.66 25.31 1.86
C ASP A 128 -20.59 24.51 0.94
N ASP A 129 -21.60 23.87 1.57
CA ASP A 129 -22.54 23.01 0.87
C ASP A 129 -23.29 23.74 -0.26
N SER A 130 -23.38 25.06 -0.22
CA SER A 130 -24.05 25.79 -1.30
C SER A 130 -23.10 26.18 -2.42
N GLU A 131 -21.79 25.91 -2.26
CA GLU A 131 -20.81 26.44 -3.19
C GLU A 131 -20.03 25.36 -3.94
N PHE A 132 -19.99 24.11 -3.49
CA PHE A 132 -19.30 23.11 -4.29
C PHE A 132 -20.30 22.14 -4.91
N ASP A 133 -19.83 21.47 -5.96
CA ASP A 133 -20.55 20.38 -6.59
C ASP A 133 -19.48 19.40 -7.09
N LEU A 134 -19.48 18.19 -6.50
CA LEU A 134 -18.41 17.25 -6.79
C LEU A 134 -18.47 16.80 -8.25
N THR A 135 -19.64 16.92 -8.93
CA THR A 135 -19.74 16.53 -10.32
C THR A 135 -19.17 17.62 -11.24
N GLU A 136 -18.87 18.78 -10.69
CA GLU A 136 -18.30 19.89 -11.46
C GLU A 136 -16.78 19.95 -11.31
N LEU A 137 -16.20 19.22 -10.36
CA LEU A 137 -14.77 19.22 -10.21
C LEU A 137 -14.12 18.32 -11.27
N PRO A 138 -12.83 18.51 -11.56
CA PRO A 138 -12.12 17.66 -12.55
C PRO A 138 -11.68 16.31 -12.03
N VAL A 139 -12.66 15.60 -11.45
CA VAL A 139 -12.40 14.30 -10.91
C VAL A 139 -12.05 13.34 -12.05
N PRO A 140 -10.98 12.54 -11.93
CA PRO A 140 -10.60 11.69 -13.05
C PRO A 140 -11.48 10.48 -13.29
N LEU A 141 -11.69 10.16 -14.58
CA LEU A 141 -12.09 8.81 -14.96
C LEU A 141 -10.79 8.09 -15.23
N ILE A 142 -10.51 7.08 -14.39
CA ILE A 142 -9.17 6.47 -14.36
C ILE A 142 -9.03 5.35 -15.37
N HIS A 143 -10.07 4.51 -15.54
CA HIS A 143 -10.09 3.43 -16.51
C HIS A 143 -11.40 3.57 -17.28
N LYS A 144 -11.41 3.21 -18.56
CA LYS A 144 -12.60 3.54 -19.35
C LYS A 144 -13.88 2.79 -18.93
N CYS A 145 -13.75 1.60 -18.33
CA CYS A 145 -14.91 0.87 -17.80
C CYS A 145 -15.28 1.19 -16.35
N ASP A 146 -14.59 2.09 -15.69
CA ASP A 146 -14.91 2.40 -14.31
C ASP A 146 -16.36 2.86 -14.19
N GLY A 147 -16.98 2.49 -13.06
CA GLY A 147 -18.35 2.84 -12.79
C GLY A 147 -18.55 4.21 -12.18
N GLY A 148 -17.51 5.04 -12.12
CA GLY A 148 -17.58 6.36 -11.52
C GLY A 148 -16.25 7.05 -11.70
N LYS A 149 -16.25 8.36 -11.37
N LYS A 149 -16.22 8.35 -11.35
CA LYS A 149 -15.06 9.18 -11.31
CA LYS A 149 -15.02 9.15 -11.34
C LYS A 149 -14.45 8.96 -9.93
C LYS A 149 -14.41 9.01 -9.95
N TYR A 150 -13.27 8.31 -9.89
CA TYR A 150 -12.64 7.95 -8.63
C TYR A 150 -11.81 9.12 -8.13
N ILE A 151 -12.48 9.98 -7.36
CA ILE A 151 -11.80 11.08 -6.69
C ILE A 151 -10.76 10.57 -5.72
N GLN A 152 -11.02 9.43 -5.07
CA GLN A 152 -10.24 8.98 -3.93
C GLN A 152 -9.49 7.70 -4.27
N THR A 153 -8.22 7.90 -4.62
CA THR A 153 -7.26 6.81 -4.78
C THR A 153 -6.00 6.96 -3.93
N TYR A 154 -5.75 8.16 -3.37
CA TYR A 154 -4.51 8.36 -2.61
C TYR A 154 -4.69 9.35 -1.47
N GLY A 155 -5.92 9.59 -1.05
CA GLY A 155 -6.22 10.32 0.17
C GLY A 155 -6.45 9.37 1.35
N MET A 156 -6.53 9.96 2.55
CA MET A 156 -6.59 9.28 3.80
C MET A 156 -7.98 9.52 4.39
N HIS A 157 -8.78 8.46 4.56
CA HIS A 157 -10.00 8.53 5.36
C HIS A 157 -9.67 8.59 6.86
N ILE A 158 -10.39 9.47 7.57
CA ILE A 158 -10.20 9.69 9.00
C ILE A 158 -11.54 9.43 9.69
N VAL A 159 -11.57 8.38 10.49
CA VAL A 159 -12.74 8.04 11.32
C VAL A 159 -12.26 7.70 12.71
N GLN A 160 -13.16 7.89 13.70
CA GLN A 160 -12.81 7.70 15.10
C GLN A 160 -13.86 6.81 15.76
N SER A 161 -13.42 5.93 16.64
CA SER A 161 -14.31 5.10 17.44
C SER A 161 -15.31 5.98 18.19
N PRO A 162 -16.55 5.49 18.43
CA PRO A 162 -17.51 6.30 19.21
C PRO A 162 -16.93 6.81 20.54
N ASP A 163 -16.12 6.02 21.22
CA ASP A 163 -15.62 6.38 22.54
C ASP A 163 -14.43 7.34 22.45
N GLY A 164 -13.97 7.66 21.23
CA GLY A 164 -12.92 8.65 21.02
C GLY A 164 -11.50 8.11 21.21
N THR A 165 -11.32 6.85 21.57
CA THR A 165 -10.02 6.32 21.98
C THR A 165 -9.14 5.93 20.78
N TRP A 166 -9.73 5.75 19.60
CA TRP A 166 -8.97 5.28 18.44
C TRP A 166 -9.36 6.11 17.23
N THR A 167 -8.38 6.77 16.60
CA THR A 167 -8.61 7.51 15.37
C THR A 167 -7.81 6.79 14.28
N ASN A 168 -8.51 6.29 13.26
CA ASN A 168 -7.87 5.54 12.20
C ASN A 168 -7.69 6.38 10.96
N TRP A 169 -6.50 6.20 10.34
CA TRP A 169 -6.18 6.75 9.02
C TRP A 169 -5.94 5.59 8.05
N SER A 170 -6.65 5.59 6.91
CA SER A 170 -6.51 4.48 5.97
C SER A 170 -6.89 4.93 4.55
N ILE A 171 -6.35 4.24 3.56
CA ILE A 171 -6.74 4.39 2.17
C ILE A 171 -7.79 3.34 1.87
N ALA A 172 -8.90 3.80 1.29
CA ALA A 172 -9.92 2.96 0.69
C ALA A 172 -10.51 3.78 -0.44
N ARG A 173 -10.80 3.13 -1.58
CA ARG A 173 -11.26 3.85 -2.76
C ARG A 173 -12.63 4.50 -2.53
N ALA A 174 -12.87 5.59 -3.24
CA ALA A 174 -14.20 6.19 -3.32
C ALA A 174 -14.36 6.97 -4.60
N MET A 175 -15.60 6.98 -5.09
CA MET A 175 -15.97 7.64 -6.34
C MET A 175 -17.14 8.60 -6.07
N VAL A 176 -17.32 9.57 -6.97
CA VAL A 176 -18.40 10.52 -6.83
C VAL A 176 -19.75 9.88 -7.16
N HIS A 177 -20.70 10.07 -6.25
CA HIS A 177 -22.09 9.64 -6.42
C HIS A 177 -22.97 10.75 -6.99
N ASP A 178 -22.88 11.93 -6.39
CA ASP A 178 -23.64 13.09 -6.86
C ASP A 178 -22.96 14.35 -6.34
N LYS A 179 -23.63 15.51 -6.42
CA LYS A 179 -22.99 16.77 -6.07
C LYS A 179 -22.36 16.80 -4.68
N ASN A 180 -22.89 16.05 -3.72
CA ASN A 180 -22.37 16.10 -2.36
C ASN A 180 -22.27 14.73 -1.68
N HIS A 181 -22.12 13.65 -2.46
CA HIS A 181 -21.89 12.34 -1.88
C HIS A 181 -20.87 11.56 -2.69
N LEU A 182 -20.14 10.67 -1.98
CA LEU A 182 -19.31 9.63 -2.60
C LEU A 182 -19.91 8.28 -2.27
N THR A 183 -19.50 7.26 -3.03
CA THR A 183 -19.62 5.88 -2.60
C THR A 183 -18.23 5.26 -2.61
N GLY A 184 -18.06 4.25 -1.76
CA GLY A 184 -16.77 3.59 -1.73
C GLY A 184 -16.81 2.23 -1.04
N LEU A 185 -15.64 1.55 -1.05
N LEU A 185 -15.63 1.62 -0.95
CA LEU A 185 -15.45 0.28 -0.38
CA LEU A 185 -15.47 0.26 -0.47
C LEU A 185 -15.19 0.50 1.11
C LEU A 185 -15.09 0.30 1.02
N VAL A 186 -16.01 -0.19 1.90
CA VAL A 186 -15.82 -0.28 3.34
C VAL A 186 -16.10 -1.74 3.70
N ILE A 187 -15.04 -2.56 3.77
CA ILE A 187 -15.19 -4.00 3.83
C ILE A 187 -14.41 -4.58 4.97
N PRO A 188 -14.91 -5.68 5.56
CA PRO A 188 -14.11 -6.33 6.59
C PRO A 188 -12.87 -6.96 6.01
N PRO A 189 -11.77 -7.08 6.78
CA PRO A 189 -11.63 -6.67 8.17
C PRO A 189 -11.04 -5.28 8.43
N GLN A 190 -11.18 -4.43 7.44
CA GLN A 190 -10.47 -3.16 7.43
C GLN A 190 -10.92 -2.27 8.59
N HIS A 191 -10.02 -1.42 9.05
CA HIS A 191 -10.35 -0.60 10.22
C HIS A 191 -11.49 0.37 9.93
N ILE A 192 -11.59 0.92 8.73
CA ILE A 192 -12.71 1.80 8.46
C ILE A 192 -14.01 1.02 8.69
N TRP A 193 -14.03 -0.24 8.28
CA TRP A 193 -15.17 -1.11 8.50
C TRP A 193 -15.38 -1.43 9.98
N GLN A 194 -14.31 -1.76 10.71
CA GLN A 194 -14.43 -2.04 12.12
C GLN A 194 -15.04 -0.87 12.88
N ILE A 195 -14.57 0.33 12.60
CA ILE A 195 -15.10 1.52 13.23
C ILE A 195 -16.53 1.79 12.78
N HIS A 196 -16.81 1.65 11.49
N HIS A 196 -16.82 1.61 11.48
CA HIS A 196 -18.17 1.80 11.02
CA HIS A 196 -18.18 1.76 10.97
C HIS A 196 -19.13 0.92 11.84
C HIS A 196 -19.18 0.87 11.71
N GLN A 197 -18.73 -0.35 12.04
CA GLN A 197 -19.58 -1.32 12.77
C GLN A 197 -19.86 -0.81 14.18
N MET A 198 -18.89 -0.18 14.81
CA MET A 198 -19.09 0.33 16.16
C MET A 198 -20.22 1.35 16.16
N TRP A 199 -20.19 2.28 15.20
CA TRP A 199 -21.20 3.31 15.07
C TRP A 199 -22.56 2.72 14.73
N LYS A 200 -22.59 1.71 13.88
N LYS A 200 -22.58 1.73 13.84
CA LYS A 200 -23.86 1.09 13.52
CA LYS A 200 -23.81 1.03 13.48
C LYS A 200 -24.49 0.41 14.74
C LYS A 200 -24.46 0.43 14.74
N LYS A 201 -23.67 -0.26 15.55
CA LYS A 201 -24.20 -0.91 16.73
C LYS A 201 -24.72 0.10 17.75
N GLU A 202 -24.01 1.22 17.90
N GLU A 202 -24.04 1.24 17.88
CA GLU A 202 -24.51 2.31 18.74
CA GLU A 202 -24.52 2.31 18.75
C GLU A 202 -25.83 2.85 18.21
C GLU A 202 -25.85 2.85 18.22
N GLY A 203 -25.98 2.88 16.89
CA GLY A 203 -27.24 3.21 16.21
C GLY A 203 -27.78 4.62 16.33
N ARG A 204 -26.98 5.58 16.85
CA ARG A 204 -27.38 6.95 17.13
C ARG A 204 -27.18 7.88 15.93
N SER A 205 -26.03 7.76 15.27
CA SER A 205 -25.68 8.76 14.28
C SER A 205 -24.76 8.19 13.21
N ASP A 206 -24.78 8.87 12.07
CA ASP A 206 -23.79 8.61 11.02
C ASP A 206 -22.40 8.91 11.57
N VAL A 207 -21.36 8.35 10.93
CA VAL A 207 -19.99 8.42 11.42
C VAL A 207 -19.37 9.77 11.03
N PRO A 208 -18.90 10.61 11.99
CA PRO A 208 -18.17 11.80 11.60
C PRO A 208 -16.95 11.33 10.80
N TRP A 209 -16.67 12.07 9.72
CA TRP A 209 -15.70 11.64 8.73
C TRP A 209 -14.98 12.84 8.11
N ALA A 210 -13.73 12.59 7.77
CA ALA A 210 -12.99 13.49 6.86
C ALA A 210 -12.15 12.64 5.92
N LEU A 211 -11.87 13.22 4.75
CA LEU A 211 -10.99 12.60 3.76
C LEU A 211 -10.01 13.68 3.35
N ALA A 212 -8.74 13.43 3.67
CA ALA A 212 -7.70 14.39 3.39
C ALA A 212 -6.81 13.86 2.27
N PHE A 213 -6.61 14.69 1.24
CA PHE A 213 -5.79 14.36 0.08
C PHE A 213 -4.51 15.19 0.13
N GLY A 214 -3.39 14.61 -0.33
CA GLY A 214 -2.15 15.36 -0.26
C GLY A 214 -1.71 15.59 1.17
N VAL A 215 -1.77 14.54 1.97
CA VAL A 215 -1.36 14.53 3.37
C VAL A 215 0.15 14.31 3.46
N PRO A 216 0.73 14.54 4.64
CA PRO A 216 2.14 14.23 4.85
C PRO A 216 2.47 12.85 4.30
N PRO A 217 3.48 12.75 3.42
CA PRO A 217 3.82 11.44 2.86
C PRO A 217 4.04 10.33 3.90
N ALA A 218 4.61 10.64 5.06
CA ALA A 218 4.79 9.61 6.05
C ALA A 218 3.45 9.12 6.57
N ALA A 219 2.43 10.00 6.63
CA ALA A 219 1.08 9.60 7.03
C ALA A 219 0.38 8.74 5.97
N ILE A 220 0.55 9.00 4.66
CA ILE A 220 -0.09 8.16 3.66
C ILE A 220 0.53 6.77 3.64
N MET A 221 1.81 6.67 3.97
N MET A 221 1.81 6.67 3.97
CA MET A 221 2.43 5.34 4.07
CA MET A 221 2.44 5.35 4.07
C MET A 221 1.79 4.55 5.20
C MET A 221 1.79 4.55 5.20
N ALA A 222 1.66 5.15 6.39
CA ALA A 222 0.98 4.43 7.48
C ALA A 222 -0.49 4.13 7.14
N SER A 223 -1.14 5.04 6.43
CA SER A 223 -2.52 4.84 6.00
C SER A 223 -2.67 3.53 5.20
N SER A 224 -1.60 3.14 4.52
N SER A 224 -1.61 3.10 4.49
CA SER A 224 -1.60 1.97 3.64
CA SER A 224 -1.66 1.91 3.65
C SER A 224 -1.10 0.70 4.31
C SER A 224 -1.20 0.63 4.35
N MET A 225 -0.76 0.76 5.61
CA MET A 225 -0.13 -0.32 6.34
C MET A 225 -1.11 -0.87 7.37
N PRO A 226 -1.19 -2.20 7.52
CA PRO A 226 -2.09 -2.78 8.54
C PRO A 226 -1.46 -2.83 9.92
N ILE A 227 -1.22 -1.64 10.48
CA ILE A 227 -0.78 -1.58 11.87
C ILE A 227 -1.92 -2.06 12.74
N PRO A 228 -1.64 -2.43 14.00
CA PRO A 228 -2.65 -3.15 14.79
C PRO A 228 -3.98 -2.44 15.04
N ASP A 229 -4.98 -3.29 15.34
CA ASP A 229 -6.28 -2.81 15.75
C ASP A 229 -6.12 -1.87 16.93
N GLY A 230 -6.89 -0.78 16.92
CA GLY A 230 -6.93 0.12 18.08
C GLY A 230 -5.77 1.11 18.14
N VAL A 231 -4.83 1.04 17.21
CA VAL A 231 -3.67 1.94 17.20
C VAL A 231 -3.93 3.15 16.30
N THR A 232 -3.83 4.35 16.88
CA THR A 232 -4.02 5.57 16.16
C THR A 232 -2.84 5.86 15.25
N GLU A 233 -3.06 5.83 13.92
CA GLU A 233 -1.95 6.02 12.97
C GLU A 233 -1.20 7.33 13.26
N ALA A 234 -1.86 8.41 13.69
CA ALA A 234 -1.14 9.66 13.87
C ALA A 234 0.02 9.49 14.87
N GLY A 235 -0.18 8.75 15.96
CA GLY A 235 0.83 8.55 16.99
C GLY A 235 1.96 7.64 16.54
N TYR A 236 1.61 6.68 15.65
CA TYR A 236 2.58 5.78 15.07
C TYR A 236 3.48 6.54 14.10
N VAL A 237 2.88 7.38 13.24
CA VAL A 237 3.66 8.22 12.35
C VAL A 237 4.52 9.20 13.14
N GLY A 238 3.95 9.77 14.21
CA GLY A 238 4.75 10.61 15.10
C GLY A 238 5.99 9.89 15.59
N ALA A 239 5.84 8.67 16.12
CA ALA A 239 6.97 7.92 16.62
C ALA A 239 7.95 7.58 15.49
N MET A 240 7.45 7.19 14.34
CA MET A 240 8.31 6.80 13.21
C MET A 240 9.19 7.97 12.78
N THR A 241 8.61 9.17 12.70
CA THR A 241 9.30 10.35 12.20
C THR A 241 10.03 11.09 13.32
N GLY A 242 9.79 10.72 14.57
CA GLY A 242 10.39 11.41 15.71
C GLY A 242 9.80 12.77 15.98
N SER A 243 8.64 13.06 15.39
CA SER A 243 8.05 14.39 15.48
C SER A 243 6.55 14.27 15.61
N SER A 244 5.93 15.07 16.50
CA SER A 244 4.49 15.18 16.56
C SER A 244 3.92 15.82 15.31
N LEU A 245 2.94 15.15 14.70
CA LEU A 245 2.29 15.71 13.52
C LEU A 245 1.39 16.87 13.93
N GLU A 246 1.41 17.93 13.14
CA GLU A 246 0.55 19.09 13.36
C GLU A 246 -0.79 18.89 12.66
N LEU A 247 -1.90 18.94 13.41
CA LEU A 247 -3.24 18.77 12.88
C LEU A 247 -4.07 20.00 13.20
N VAL A 248 -5.06 20.25 12.36
CA VAL A 248 -6.02 21.33 12.58
C VAL A 248 -7.41 20.71 12.64
N LYS A 249 -8.31 21.30 13.43
CA LYS A 249 -9.66 20.79 13.50
C LYS A 249 -10.41 21.10 12.21
N CYS A 250 -11.26 20.16 11.81
CA CYS A 250 -12.24 20.38 10.78
C CYS A 250 -13.19 21.51 11.21
N ASP A 251 -13.77 22.15 10.22
CA ASP A 251 -14.68 23.26 10.53
C ASP A 251 -16.05 22.77 10.97
N THR A 252 -16.55 21.66 10.41
CA THR A 252 -17.91 21.21 10.62
C THR A 252 -17.99 19.96 11.50
N ASN A 253 -16.85 19.44 11.99
CA ASN A 253 -16.86 18.37 12.97
C ASN A 253 -15.61 18.48 13.81
N ASP A 254 -15.43 17.57 14.79
CA ASP A 254 -14.32 17.70 15.72
C ASP A 254 -13.18 16.72 15.41
N LEU A 255 -13.14 16.21 14.19
CA LEU A 255 -11.96 15.47 13.73
C LEU A 255 -10.85 16.44 13.37
N TYR A 256 -9.63 15.91 13.33
CA TYR A 256 -8.43 16.67 13.07
C TYR A 256 -7.72 16.16 11.81
N VAL A 257 -7.30 17.09 10.94
CA VAL A 257 -6.67 16.75 9.68
C VAL A 257 -5.26 17.31 9.66
N PRO A 258 -4.31 16.73 8.88
CA PRO A 258 -2.98 17.31 8.79
C PRO A 258 -3.08 18.76 8.31
N ALA A 259 -2.33 19.64 8.99
CA ALA A 259 -2.40 21.07 8.72
C ALA A 259 -2.09 21.43 7.27
N THR A 260 -1.17 20.67 6.64
CA THR A 260 -0.71 20.92 5.28
C THR A 260 -1.44 20.07 4.23
N SER A 261 -2.57 19.46 4.62
CA SER A 261 -3.37 18.73 3.64
C SER A 261 -3.66 19.62 2.41
N GLU A 262 -3.59 19.06 1.19
CA GLU A 262 -3.90 19.81 -0.04
C GLU A 262 -5.41 20.10 -0.15
N ILE A 263 -6.25 19.08 0.13
CA ILE A 263 -7.69 19.14 0.00
C ILE A 263 -8.29 18.30 1.12
N VAL A 264 -9.31 18.85 1.77
CA VAL A 264 -10.02 18.15 2.82
C VAL A 264 -11.52 18.14 2.53
N LEU A 265 -12.11 16.93 2.55
CA LEU A 265 -13.56 16.83 2.56
C LEU A 265 -14.00 16.55 3.98
N GLU A 266 -15.08 17.22 4.46
CA GLU A 266 -15.64 16.99 5.78
C GLU A 266 -17.06 16.49 5.62
N GLY A 267 -17.46 15.50 6.41
CA GLY A 267 -18.86 15.10 6.34
C GLY A 267 -19.12 13.87 7.17
N THR A 268 -19.90 12.95 6.59
CA THR A 268 -20.37 11.78 7.33
C THR A 268 -20.30 10.54 6.45
N LEU A 269 -20.02 9.41 7.10
CA LEU A 269 -20.17 8.11 6.50
C LEU A 269 -21.44 7.47 7.05
N SER A 270 -22.37 7.12 6.17
CA SER A 270 -23.71 6.72 6.64
C SER A 270 -23.67 5.38 7.33
N ILE A 271 -24.45 5.22 8.42
CA ILE A 271 -24.69 3.91 9.04
C ILE A 271 -25.92 3.21 8.45
N SER A 272 -26.62 3.86 7.51
CA SER A 272 -27.83 3.25 6.97
C SER A 272 -27.89 3.21 5.44
N GLU A 273 -27.29 4.19 4.76
CA GLU A 273 -27.47 4.34 3.32
C GLU A 273 -26.30 3.73 2.55
N THR A 274 -26.64 3.28 1.36
CA THR A 274 -25.66 2.70 0.43
C THR A 274 -25.92 3.35 -0.92
N GLY A 275 -25.00 3.14 -1.86
CA GLY A 275 -25.23 3.52 -3.23
C GLY A 275 -24.33 2.75 -4.17
N PRO A 276 -24.62 2.81 -5.49
CA PRO A 276 -23.82 2.07 -6.47
C PRO A 276 -22.36 2.44 -6.39
N GLU A 277 -21.51 1.40 -6.44
CA GLU A 277 -20.08 1.61 -6.33
C GLU A 277 -19.39 0.60 -7.26
N GLY A 278 -18.37 1.08 -7.97
CA GLY A 278 -17.62 0.26 -8.87
C GLY A 278 -18.35 -0.02 -10.17
N PRO A 279 -17.76 -0.78 -11.09
CA PRO A 279 -16.45 -1.38 -10.92
C PRO A 279 -15.29 -0.39 -11.04
N PHE A 280 -14.11 -0.89 -10.64
CA PHE A 280 -12.91 -0.10 -10.69
C PHE A 280 -11.75 -0.96 -11.20
N GLY A 281 -10.87 -0.43 -12.04
CA GLY A 281 -9.67 -1.14 -12.44
C GLY A 281 -8.73 -1.25 -11.26
N GLU A 282 -8.53 -2.50 -10.78
N GLU A 282 -8.44 -2.47 -10.82
CA GLU A 282 -8.06 -2.81 -9.44
CA GLU A 282 -7.90 -2.64 -9.48
C GLU A 282 -6.61 -3.30 -9.49
C GLU A 282 -6.52 -3.27 -9.50
N MET A 283 -6.02 -3.46 -8.29
CA MET A 283 -4.62 -3.79 -8.06
C MET A 283 -4.18 -5.08 -8.74
N HIS A 284 -5.08 -6.05 -8.93
CA HIS A 284 -4.67 -7.30 -9.54
C HIS A 284 -4.65 -7.23 -11.05
N GLY A 285 -5.06 -6.10 -11.61
CA GLY A 285 -4.88 -5.88 -13.04
C GLY A 285 -6.15 -5.97 -13.88
N TYR A 286 -7.34 -5.98 -13.30
CA TYR A 286 -8.59 -6.22 -14.06
C TYR A 286 -9.66 -5.19 -13.77
N ILE A 287 -10.60 -5.09 -14.72
CA ILE A 287 -11.89 -4.48 -14.45
C ILE A 287 -12.95 -5.37 -15.06
N PHE A 288 -13.95 -5.69 -14.25
CA PHE A 288 -15.09 -6.49 -14.68
C PHE A 288 -16.21 -5.53 -15.03
N CYS A 289 -16.31 -5.17 -16.33
CA CYS A 289 -17.20 -4.09 -16.78
C CYS A 289 -18.60 -4.41 -16.26
N GLY A 290 -19.32 -3.37 -15.82
CA GLY A 290 -20.68 -3.53 -15.36
C GLY A 290 -20.83 -4.17 -13.97
N ASP A 291 -19.74 -4.61 -13.33
CA ASP A 291 -19.82 -5.26 -12.04
C ASP A 291 -19.97 -4.24 -10.91
N THR A 292 -21.16 -3.64 -10.80
CA THR A 292 -21.47 -2.62 -9.80
C THR A 292 -22.22 -3.27 -8.63
N HIS A 293 -21.88 -2.87 -7.41
CA HIS A 293 -22.54 -3.35 -6.21
C HIS A 293 -22.74 -2.20 -5.24
N LEU A 294 -23.65 -2.37 -4.27
CA LEU A 294 -23.88 -1.32 -3.28
C LEU A 294 -22.65 -1.22 -2.40
N GLY A 295 -22.20 0.02 -2.25
CA GLY A 295 -21.10 0.35 -1.36
C GLY A 295 -21.55 1.37 -0.30
N ALA A 296 -20.62 1.66 0.59
CA ALA A 296 -20.77 2.68 1.61
C ALA A 296 -20.98 4.05 0.99
N LYS A 297 -21.75 4.90 1.64
CA LYS A 297 -22.12 6.21 1.11
C LYS A 297 -21.66 7.28 2.09
N TYR A 298 -21.00 8.29 1.55
CA TYR A 298 -20.47 9.41 2.30
C TYR A 298 -21.15 10.69 1.86
N LYS A 299 -21.52 11.54 2.80
CA LYS A 299 -22.00 12.87 2.51
C LYS A 299 -20.89 13.87 2.77
N VAL A 300 -20.72 14.77 1.82
CA VAL A 300 -19.72 15.84 1.96
C VAL A 300 -20.45 17.14 2.31
N ASN A 301 -20.02 17.77 3.40
CA ASN A 301 -20.62 19.03 3.86
C ASN A 301 -19.74 20.24 3.58
N ARG A 302 -18.43 20.04 3.45
CA ARG A 302 -17.51 21.15 3.35
C ARG A 302 -16.23 20.68 2.67
N ILE A 303 -15.65 21.57 1.88
CA ILE A 303 -14.33 21.33 1.29
C ILE A 303 -13.44 22.47 1.73
N THR A 304 -12.23 22.15 2.23
CA THR A 304 -11.20 23.15 2.42
C THR A 304 -9.97 22.74 1.63
N TYR A 305 -9.15 23.69 1.23
CA TYR A 305 -8.05 23.36 0.36
C TYR A 305 -7.00 24.44 0.29
N ARG A 306 -5.79 24.01 0.02
CA ARG A 306 -4.67 24.89 -0.24
C ARG A 306 -4.84 25.65 -1.55
N ASN A 307 -4.29 26.87 -1.56
CA ASN A 307 -4.07 27.56 -2.82
C ASN A 307 -3.35 26.63 -3.79
N ASN A 308 -3.84 26.55 -5.02
CA ASN A 308 -3.22 25.74 -6.08
C ASN A 308 -3.09 24.26 -5.65
N ALA A 309 -4.15 23.79 -5.01
CA ALA A 309 -4.24 22.42 -4.49
C ALA A 309 -3.87 21.39 -5.55
N ILE A 310 -3.19 20.35 -5.05
CA ILE A 310 -2.79 19.21 -5.87
C ILE A 310 -3.45 17.94 -5.30
N MET A 311 -4.15 17.20 -6.17
CA MET A 311 -4.75 15.89 -5.87
C MET A 311 -3.79 14.79 -6.30
N PRO A 312 -3.28 13.96 -5.37
CA PRO A 312 -2.57 12.76 -5.80
C PRO A 312 -3.54 11.69 -6.31
N MET A 313 -3.06 10.92 -7.31
CA MET A 313 -3.87 9.92 -7.97
C MET A 313 -3.03 8.68 -8.24
N SER A 314 -3.63 7.51 -7.94
CA SER A 314 -3.08 6.21 -8.31
C SER A 314 -3.86 5.66 -9.49
N SER A 315 -3.20 5.58 -10.65
CA SER A 315 -3.79 4.96 -11.82
C SER A 315 -3.42 3.50 -11.81
N CYS A 316 -4.17 2.73 -11.01
CA CYS A 316 -3.74 1.41 -10.59
C CYS A 316 -4.20 0.33 -11.56
N GLY A 317 -3.47 -0.79 -11.51
CA GLY A 317 -3.78 -1.90 -12.39
C GLY A 317 -2.62 -2.88 -12.49
N ARG A 318 -2.22 -3.21 -13.72
CA ARG A 318 -1.03 -4.01 -13.91
C ARG A 318 0.23 -3.29 -13.46
N LEU A 319 1.28 -4.08 -13.27
CA LEU A 319 2.49 -3.63 -12.58
C LEU A 319 3.04 -2.37 -13.26
N THR A 320 3.63 -1.43 -12.51
CA THR A 320 3.77 -1.38 -11.06
C THR A 320 3.29 -0.03 -10.54
N ASP A 321 2.42 -0.06 -9.54
CA ASP A 321 1.89 1.15 -8.95
C ASP A 321 1.82 1.03 -7.43
N GLU A 322 1.18 2.01 -6.80
CA GLU A 322 1.03 2.14 -5.36
C GLU A 322 0.38 0.90 -4.77
N THR A 323 -0.55 0.30 -5.51
CA THR A 323 -1.25 -0.87 -4.98
C THR A 323 -0.31 -2.06 -4.82
N HIS A 324 0.82 -2.06 -5.52
CA HIS A 324 1.81 -3.12 -5.39
C HIS A 324 2.92 -2.69 -4.43
N THR A 325 3.52 -1.52 -4.66
CA THR A 325 4.66 -1.09 -3.87
C THR A 325 4.29 -0.83 -2.41
N MET A 326 3.06 -0.36 -2.15
CA MET A 326 2.63 -0.02 -0.79
C MET A 326 1.74 -1.10 -0.20
N ILE A 327 0.68 -1.53 -0.88
CA ILE A 327 -0.19 -2.53 -0.23
C ILE A 327 0.65 -3.78 0.08
N GLY A 328 1.32 -4.32 -0.96
CA GLY A 328 2.03 -5.57 -0.81
C GLY A 328 3.17 -5.47 0.20
N SER A 329 4.03 -4.46 0.00
CA SER A 329 5.23 -4.41 0.81
C SER A 329 4.89 -4.13 2.27
N LEU A 330 3.90 -3.25 2.53
CA LEU A 330 3.59 -2.86 3.91
C LEU A 330 2.86 -4.02 4.61
N ALA A 331 2.04 -4.79 3.88
CA ALA A 331 1.47 -6.01 4.49
C ALA A 331 2.55 -7.01 4.82
N ALA A 332 3.54 -7.19 3.91
CA ALA A 332 4.65 -8.10 4.14
C ALA A 332 5.40 -7.68 5.40
N ALA A 333 5.68 -6.37 5.55
CA ALA A 333 6.36 -5.87 6.73
C ALA A 333 5.62 -6.26 8.02
N GLU A 334 4.32 -5.98 8.06
CA GLU A 334 3.52 -6.34 9.24
C GLU A 334 3.51 -7.84 9.49
N ILE A 335 3.44 -8.65 8.44
CA ILE A 335 3.47 -10.09 8.55
C ILE A 335 4.82 -10.55 9.12
N ARG A 336 5.91 -9.92 8.68
CA ARG A 336 7.22 -10.27 9.24
C ARG A 336 7.24 -10.11 10.76
N LYS A 337 6.80 -8.94 11.20
CA LYS A 337 6.72 -8.69 12.63
C LYS A 337 5.78 -9.67 13.33
N LEU A 338 4.59 -9.89 12.78
CA LEU A 338 3.61 -10.77 13.38
C LEU A 338 4.24 -12.15 13.56
N CYS A 339 4.94 -12.66 12.54
CA CYS A 339 5.55 -13.96 12.69
C CYS A 339 6.58 -13.98 13.82
N GLN A 340 7.40 -12.95 13.91
CA GLN A 340 8.42 -12.88 14.96
C GLN A 340 7.80 -12.82 16.36
N GLN A 341 6.71 -12.06 16.50
CA GLN A 341 6.00 -11.93 17.76
C GLN A 341 5.36 -13.25 18.18
N ASN A 342 5.07 -14.16 17.24
CA ASN A 342 4.57 -15.49 17.49
C ASN A 342 5.67 -16.54 17.60
N ASP A 343 6.92 -16.10 17.78
CA ASP A 343 8.08 -16.94 17.98
C ASP A 343 8.39 -17.81 16.77
N LEU A 344 8.07 -17.32 15.57
CA LEU A 344 8.45 -18.01 14.35
C LEU A 344 9.74 -17.40 13.82
N PRO A 345 10.68 -18.22 13.31
CA PRO A 345 12.03 -17.74 12.96
C PRO A 345 12.08 -17.11 11.56
N ILE A 346 11.31 -16.04 11.37
CA ILE A 346 11.24 -15.34 10.11
C ILE A 346 12.10 -14.08 10.19
N THR A 347 13.00 -13.87 9.24
CA THR A 347 13.89 -12.74 9.24
C THR A 347 13.40 -11.62 8.34
N ASP A 348 12.71 -11.98 7.25
CA ASP A 348 12.36 -11.02 6.22
C ASP A 348 11.11 -11.51 5.51
N ALA A 349 10.35 -10.52 5.00
CA ALA A 349 9.14 -10.82 4.24
C ALA A 349 8.96 -9.79 3.15
N PHE A 350 8.50 -10.26 1.98
CA PHE A 350 8.20 -9.36 0.88
C PHE A 350 7.12 -9.98 0.02
N ALA A 351 6.29 -9.15 -0.62
CA ALA A 351 5.26 -9.65 -1.54
C ALA A 351 5.78 -9.52 -2.97
N PRO A 352 6.19 -10.60 -3.65
CA PRO A 352 6.78 -10.46 -4.98
C PRO A 352 5.84 -9.74 -5.93
N PHE A 353 6.41 -8.78 -6.64
CA PHE A 353 5.59 -8.10 -7.66
C PHE A 353 5.07 -9.11 -8.69
N GLU A 354 5.91 -10.11 -9.04
CA GLU A 354 5.57 -11.09 -10.04
C GLU A 354 4.31 -11.87 -9.68
N SER A 355 4.03 -11.99 -8.36
CA SER A 355 2.81 -12.64 -7.87
C SER A 355 1.59 -11.69 -7.88
N GLN A 356 1.75 -10.46 -8.40
CA GLN A 356 0.74 -9.42 -8.32
C GLN A 356 0.41 -9.16 -6.85
N VAL A 357 1.46 -9.21 -6.02
CA VAL A 357 1.46 -9.04 -4.58
C VAL A 357 0.44 -9.90 -3.86
N THR A 358 0.14 -11.09 -4.41
CA THR A 358 -0.76 -12.06 -3.78
C THR A 358 0.00 -13.11 -2.98
N TRP A 359 1.32 -13.19 -3.17
CA TRP A 359 2.19 -14.05 -2.38
C TRP A 359 2.98 -13.18 -1.42
N VAL A 360 3.39 -13.78 -0.30
CA VAL A 360 4.48 -13.23 0.50
C VAL A 360 5.51 -14.33 0.70
N ALA A 361 6.78 -14.01 0.40
CA ALA A 361 7.88 -14.90 0.69
C ALA A 361 8.44 -14.57 2.07
N LEU A 362 8.60 -15.61 2.88
CA LEU A 362 9.08 -15.52 4.26
C LEU A 362 10.44 -16.19 4.31
N ARG A 363 11.49 -15.42 4.58
CA ARG A 363 12.85 -15.94 4.76
C ARG A 363 13.00 -16.44 6.19
N VAL A 364 13.45 -17.69 6.30
CA VAL A 364 13.56 -18.42 7.55
C VAL A 364 15.01 -18.44 8.00
N ASP A 365 15.24 -18.18 9.28
CA ASP A 365 16.49 -18.45 9.97
C ASP A 365 16.55 -19.95 10.27
N THR A 366 17.27 -20.67 9.41
CA THR A 366 17.17 -22.12 9.44
C THR A 366 18.00 -22.69 10.60
N GLU A 367 18.92 -21.92 11.15
CA GLU A 367 19.59 -22.34 12.40
C GLU A 367 18.54 -22.45 13.52
N LYS A 368 17.69 -21.42 13.63
CA LYS A 368 16.60 -21.45 14.59
C LYS A 368 15.60 -22.55 14.25
N LEU A 369 15.26 -22.70 12.97
CA LEU A 369 14.36 -23.77 12.60
C LEU A 369 14.89 -25.13 13.05
N ARG A 370 16.16 -25.42 12.78
CA ARG A 370 16.70 -26.73 13.14
C ARG A 370 16.56 -26.98 14.64
N ALA A 371 16.69 -25.92 15.45
CA ALA A 371 16.60 -26.09 16.90
C ALA A 371 15.17 -26.43 17.35
N MET A 372 14.17 -26.11 16.54
CA MET A 372 12.78 -26.40 16.82
C MET A 372 12.47 -27.88 16.66
N LYS A 373 13.27 -28.62 15.89
CA LYS A 373 13.09 -30.05 15.72
C LYS A 373 11.67 -30.38 15.29
N THR A 374 11.30 -29.76 14.15
CA THR A 374 9.95 -29.87 13.66
C THR A 374 9.98 -30.40 12.22
N THR A 375 8.81 -30.40 11.60
CA THR A 375 8.66 -30.92 10.26
C THR A 375 7.95 -29.89 9.39
N SER A 376 7.97 -30.16 8.08
CA SER A 376 7.30 -29.29 7.14
C SER A 376 5.82 -29.13 7.42
N GLU A 377 5.12 -30.25 7.60
N GLU A 377 5.10 -30.23 7.60
CA GLU A 377 3.67 -30.22 7.80
CA GLU A 377 3.67 -30.08 7.77
C GLU A 377 3.32 -29.42 9.06
C GLU A 377 3.37 -29.31 9.05
N GLY A 378 4.10 -29.60 10.13
CA GLY A 378 3.83 -28.87 11.36
C GLY A 378 4.12 -27.39 11.26
N PHE A 379 5.26 -27.07 10.64
CA PHE A 379 5.70 -25.69 10.52
C PHE A 379 4.75 -24.92 9.59
N ARG A 380 4.43 -25.50 8.43
CA ARG A 380 3.49 -24.91 7.47
C ARG A 380 2.19 -24.54 8.14
N LYS A 381 1.63 -25.46 8.92
CA LYS A 381 0.37 -25.23 9.59
C LYS A 381 0.48 -24.08 10.60
N ARG A 382 1.55 -24.09 11.36
CA ARG A 382 1.74 -23.07 12.38
C ARG A 382 1.84 -21.69 11.73
N VAL A 383 2.66 -21.56 10.67
CA VAL A 383 2.86 -20.29 9.99
C VAL A 383 1.54 -19.83 9.39
N GLY A 384 0.84 -20.74 8.69
CA GLY A 384 -0.41 -20.32 8.05
C GLY A 384 -1.48 -19.94 9.08
N ASP A 385 -1.57 -20.65 10.20
CA ASP A 385 -2.56 -20.28 11.21
C ASP A 385 -2.26 -18.87 11.76
N VAL A 386 -1.00 -18.58 12.04
CA VAL A 386 -0.65 -17.25 12.54
C VAL A 386 -1.05 -16.18 11.54
N VAL A 387 -0.66 -16.35 10.28
CA VAL A 387 -0.80 -15.28 9.32
C VAL A 387 -2.21 -15.18 8.72
N PHE A 388 -2.77 -16.32 8.31
CA PHE A 388 -4.06 -16.25 7.63
C PHE A 388 -5.24 -16.05 8.59
N ASN A 389 -5.04 -16.17 9.90
CA ASN A 389 -6.10 -15.83 10.84
C ASN A 389 -5.99 -14.40 11.33
N HIS A 390 -5.02 -13.63 10.80
CA HIS A 390 -4.82 -12.27 11.22
C HIS A 390 -5.13 -11.32 10.07
N LYS A 391 -5.58 -10.10 10.39
CA LYS A 391 -5.85 -9.05 9.40
C LYS A 391 -4.63 -8.75 8.53
N ALA A 392 -3.41 -8.83 9.07
CA ALA A 392 -2.24 -8.48 8.27
C ALA A 392 -2.12 -9.46 7.10
N GLY A 393 -2.64 -10.72 7.24
CA GLY A 393 -2.62 -11.68 6.13
C GLY A 393 -3.77 -11.60 5.14
N TYR A 394 -4.68 -10.64 5.34
CA TYR A 394 -5.89 -10.53 4.55
C TYR A 394 -5.66 -10.64 3.04
N THR A 395 -4.78 -9.78 2.52
CA THR A 395 -4.60 -9.67 1.07
C THR A 395 -3.76 -10.78 0.46
N ILE A 396 -3.12 -11.63 1.28
CA ILE A 396 -2.12 -12.58 0.84
C ILE A 396 -2.73 -13.98 0.79
N HIS A 397 -2.65 -14.61 -0.39
CA HIS A 397 -3.21 -15.93 -0.58
C HIS A 397 -2.18 -17.06 -0.61
N ARG A 398 -0.92 -16.76 -0.83
CA ARG A 398 0.12 -17.80 -0.81
C ARG A 398 1.31 -17.32 -0.01
N LEU A 399 1.74 -18.07 0.96
CA LEU A 399 2.99 -17.85 1.67
C LEU A 399 4.03 -18.82 1.18
N VAL A 400 5.23 -18.36 0.84
CA VAL A 400 6.29 -19.22 0.36
C VAL A 400 7.40 -19.17 1.40
N LEU A 401 7.71 -20.30 2.04
CA LEU A 401 8.78 -20.36 3.03
C LEU A 401 10.07 -20.72 2.33
N VAL A 402 11.11 -19.89 2.53
CA VAL A 402 12.40 -20.08 1.89
C VAL A 402 13.52 -19.98 2.95
N GLY A 403 14.62 -20.69 2.70
CA GLY A 403 15.74 -20.64 3.61
C GLY A 403 16.65 -19.44 3.39
N ASP A 404 17.77 -19.41 4.16
CA ASP A 404 18.56 -18.20 4.33
C ASP A 404 19.28 -17.79 3.06
N ASP A 405 19.40 -18.66 2.06
CA ASP A 405 20.15 -18.27 0.87
C ASP A 405 19.34 -17.39 -0.06
N ILE A 406 18.03 -17.29 0.11
CA ILE A 406 17.15 -16.54 -0.79
C ILE A 406 16.94 -15.12 -0.28
N ASP A 407 17.08 -14.15 -1.20
CA ASP A 407 16.76 -12.77 -0.95
C ASP A 407 15.32 -12.59 -1.40
N VAL A 408 14.44 -12.49 -0.40
CA VAL A 408 13.01 -12.39 -0.70
C VAL A 408 12.61 -11.10 -1.41
N TYR A 409 13.47 -10.12 -1.41
CA TYR A 409 13.21 -8.88 -2.14
C TYR A 409 13.51 -9.01 -3.63
N GLU A 410 14.04 -10.17 -4.04
CA GLU A 410 14.39 -10.48 -5.43
C GLU A 410 13.43 -11.51 -5.99
N GLY A 411 12.45 -11.06 -6.76
CA GLY A 411 11.44 -11.98 -7.25
C GLY A 411 12.00 -13.16 -8.04
N LYS A 412 13.05 -12.95 -8.83
N LYS A 412 13.08 -12.99 -8.81
CA LYS A 412 13.64 -14.03 -9.60
CA LYS A 412 13.63 -14.08 -9.60
C LYS A 412 14.04 -15.16 -8.66
C LYS A 412 14.15 -15.18 -8.67
N ASP A 413 14.62 -14.81 -7.50
CA ASP A 413 15.16 -15.80 -6.56
C ASP A 413 14.04 -16.51 -5.82
N VAL A 414 12.96 -15.76 -5.49
CA VAL A 414 11.76 -16.38 -4.93
C VAL A 414 11.16 -17.38 -5.92
N LEU A 415 11.06 -17.00 -7.19
N LEU A 415 11.04 -17.00 -7.20
CA LEU A 415 10.44 -17.90 -8.17
CA LEU A 415 10.42 -17.91 -8.16
C LEU A 415 11.29 -19.14 -8.37
C LEU A 415 11.29 -19.14 -8.37
N TRP A 416 12.61 -18.97 -8.37
CA TRP A 416 13.52 -20.10 -8.45
C TRP A 416 13.30 -21.08 -7.30
N ALA A 417 13.31 -20.57 -6.06
CA ALA A 417 13.15 -21.42 -4.89
C ALA A 417 11.79 -22.11 -4.91
N PHE A 418 10.72 -21.35 -5.17
CA PHE A 418 9.37 -21.92 -5.21
C PHE A 418 9.28 -23.06 -6.21
N SER A 419 9.79 -22.80 -7.42
N SER A 419 9.79 -22.83 -7.42
CA SER A 419 9.66 -23.72 -8.54
CA SER A 419 9.59 -23.77 -8.50
C SER A 419 10.47 -24.99 -8.34
C SER A 419 10.50 -24.98 -8.40
N THR A 420 11.56 -24.93 -7.58
CA THR A 420 12.50 -26.03 -7.48
C THR A 420 12.54 -26.74 -6.13
N ARG A 421 12.00 -26.12 -5.04
CA ARG A 421 12.12 -26.66 -3.71
C ARG A 421 10.79 -27.02 -3.07
N CYS A 422 9.65 -26.63 -3.66
CA CYS A 422 8.33 -26.90 -3.10
C CYS A 422 7.63 -27.90 -4.04
N ARG A 423 7.49 -29.15 -3.59
CA ARG A 423 6.75 -30.17 -4.34
C ARG A 423 5.27 -29.88 -4.30
N PRO A 424 4.62 -29.62 -5.44
CA PRO A 424 3.19 -29.33 -5.43
C PRO A 424 2.40 -30.37 -4.67
N GLY A 425 1.44 -29.91 -3.85
CA GLY A 425 0.62 -30.80 -3.05
C GLY A 425 1.28 -31.20 -1.75
N MET A 426 2.21 -32.12 -1.81
CA MET A 426 2.90 -32.70 -0.67
C MET A 426 3.56 -31.66 0.23
N ASP A 427 4.21 -30.66 -0.35
CA ASP A 427 4.90 -29.63 0.43
C ASP A 427 4.04 -28.38 0.68
N GLU A 428 2.72 -28.53 0.56
CA GLU A 428 1.84 -27.39 0.73
C GLU A 428 0.72 -27.76 1.67
N THR A 429 0.18 -26.74 2.37
CA THR A 429 -1.05 -26.92 3.11
C THR A 429 -2.07 -25.86 2.68
N LEU A 430 -3.25 -26.32 2.27
CA LEU A 430 -4.32 -25.45 1.85
C LEU A 430 -5.14 -25.02 3.07
N PHE A 431 -5.62 -23.77 3.03
CA PHE A 431 -6.47 -23.20 4.06
C PHE A 431 -7.76 -22.71 3.48
N GLU A 432 -8.86 -23.43 3.79
CA GLU A 432 -10.14 -23.08 3.20
C GLU A 432 -11.03 -22.34 4.21
N ASP A 433 -10.71 -22.39 5.49
CA ASP A 433 -11.54 -21.84 6.55
C ASP A 433 -10.88 -20.58 7.15
N VAL A 434 -10.46 -19.69 6.25
CA VAL A 434 -9.87 -18.41 6.60
C VAL A 434 -10.53 -17.37 5.72
N ARG A 435 -10.43 -16.11 6.13
CA ARG A 435 -10.99 -15.05 5.30
C ARG A 435 -10.16 -14.93 4.01
N GLY A 436 -10.84 -14.83 2.90
CA GLY A 436 -10.23 -14.58 1.61
C GLY A 436 -10.40 -13.14 1.14
N PHE A 437 -9.55 -12.75 0.19
CA PHE A 437 -9.55 -11.40 -0.36
C PHE A 437 -10.36 -11.38 -1.63
N PRO A 438 -11.59 -10.84 -1.59
CA PRO A 438 -12.47 -11.00 -2.75
C PRO A 438 -12.04 -10.27 -4.01
N LEU A 439 -11.14 -9.27 -3.87
CA LEU A 439 -10.73 -8.48 -5.03
C LEU A 439 -9.91 -9.32 -6.01
N ILE A 440 -9.25 -10.39 -5.52
CA ILE A 440 -8.49 -11.25 -6.42
C ILE A 440 -9.49 -11.90 -7.37
N PRO A 441 -9.30 -11.84 -8.69
CA PRO A 441 -10.31 -12.40 -9.60
C PRO A 441 -10.73 -13.83 -9.32
N TYR A 442 -9.75 -14.69 -8.97
CA TYR A 442 -10.11 -16.08 -8.70
C TYR A 442 -10.96 -16.29 -7.44
N MET A 443 -11.08 -15.24 -6.61
CA MET A 443 -11.95 -15.18 -5.44
C MET A 443 -13.33 -14.63 -5.83
N GLY A 444 -13.41 -13.32 -6.01
CA GLY A 444 -14.68 -12.67 -6.25
C GLY A 444 -15.36 -13.04 -7.56
N HIS A 445 -14.58 -13.42 -8.59
CA HIS A 445 -15.11 -13.82 -9.89
C HIS A 445 -14.76 -15.28 -10.20
N GLY A 446 -14.48 -16.08 -9.16
CA GLY A 446 -14.01 -17.44 -9.35
C GLY A 446 -15.06 -18.52 -9.13
N ASN A 447 -14.53 -19.72 -8.87
CA ASN A 447 -15.33 -20.93 -8.78
C ASN A 447 -15.81 -21.23 -7.39
N GLY A 448 -15.31 -20.50 -6.40
CA GLY A 448 -15.58 -20.81 -5.01
C GLY A 448 -16.11 -19.59 -4.26
N PRO A 449 -16.23 -19.70 -2.93
CA PRO A 449 -16.73 -18.59 -2.09
C PRO A 449 -15.84 -17.36 -2.25
N ALA A 450 -16.43 -16.19 -2.49
CA ALA A 450 -15.64 -14.98 -2.71
C ALA A 450 -14.84 -14.57 -1.47
N HIS A 451 -15.34 -14.91 -0.27
CA HIS A 451 -14.82 -14.33 0.95
C HIS A 451 -14.14 -15.34 1.87
N ARG A 452 -13.95 -16.59 1.41
CA ARG A 452 -13.41 -17.61 2.28
C ARG A 452 -12.49 -18.52 1.50
N GLY A 453 -11.37 -18.88 2.11
CA GLY A 453 -10.50 -19.92 1.61
C GLY A 453 -9.63 -19.45 0.44
N GLY A 454 -9.15 -20.40 -0.30
CA GLY A 454 -8.26 -20.14 -1.43
C GLY A 454 -6.84 -19.77 -1.01
N LYS A 455 -6.41 -20.15 0.18
CA LYS A 455 -5.08 -19.80 0.67
C LYS A 455 -4.23 -21.04 0.84
N VAL A 456 -2.91 -20.83 0.81
CA VAL A 456 -1.96 -21.94 0.80
C VAL A 456 -0.63 -21.51 1.41
N VAL A 457 -0.01 -22.41 2.18
CA VAL A 457 1.38 -22.28 2.59
C VAL A 457 2.18 -23.26 1.75
N SER A 458 3.11 -22.73 0.96
CA SER A 458 4.00 -23.51 0.11
C SER A 458 5.41 -23.54 0.72
N ASP A 459 5.85 -24.71 1.14
CA ASP A 459 7.13 -24.84 1.81
C ASP A 459 8.25 -25.12 0.80
N ALA A 460 9.06 -24.09 0.56
CA ALA A 460 10.26 -24.22 -0.28
C ALA A 460 11.53 -24.36 0.55
N LEU A 461 11.40 -24.81 1.81
CA LEU A 461 12.53 -25.31 2.57
C LEU A 461 12.77 -26.74 2.12
N MET A 462 14.03 -27.07 1.90
CA MET A 462 14.44 -28.41 1.59
C MET A 462 14.54 -29.25 2.85
N PRO A 463 14.44 -30.62 2.73
CA PRO A 463 14.35 -31.43 3.96
C PRO A 463 15.47 -31.25 4.95
N THR A 464 16.72 -31.12 4.48
CA THR A 464 17.79 -31.01 5.46
C THR A 464 17.84 -29.65 6.14
N GLU A 465 17.06 -28.68 5.67
CA GLU A 465 17.02 -27.38 6.33
C GLU A 465 16.32 -27.50 7.69
N TYR A 466 15.53 -28.56 7.91
CA TYR A 466 14.89 -28.84 9.18
C TYR A 466 15.77 -29.67 10.13
N THR A 467 16.86 -30.25 9.62
CA THR A 467 17.61 -31.26 10.38
C THR A 467 19.06 -30.79 10.54
N THR A 468 19.89 -31.05 9.52
CA THR A 468 21.33 -30.94 9.65
C THR A 468 21.93 -29.75 8.89
N GLY A 469 21.15 -29.09 8.01
CA GLY A 469 21.57 -27.91 7.29
C GLY A 469 21.57 -28.14 5.76
N ARG A 470 21.58 -27.04 5.02
CA ARG A 470 21.58 -27.08 3.58
C ARG A 470 22.65 -28.05 3.07
N ASN A 471 22.32 -28.84 2.05
CA ASN A 471 23.19 -29.91 1.59
C ASN A 471 23.47 -29.80 0.09
N TRP A 472 23.34 -28.59 -0.47
CA TRP A 472 23.71 -28.30 -1.83
C TRP A 472 24.50 -27.01 -1.88
N GLU A 473 25.05 -26.74 -3.05
CA GLU A 473 25.44 -25.39 -3.41
C GLU A 473 24.86 -25.12 -4.79
N ALA A 474 24.65 -23.84 -5.07
CA ALA A 474 24.01 -23.48 -6.32
C ALA A 474 24.99 -23.73 -7.48
N ALA A 475 24.39 -24.15 -8.60
CA ALA A 475 25.06 -24.23 -9.89
C ALA A 475 24.99 -22.87 -10.57
N ASP A 476 25.69 -21.91 -9.94
CA ASP A 476 25.75 -20.54 -10.44
C ASP A 476 27.20 -20.03 -10.38
N PHE A 477 27.45 -18.86 -10.99
CA PHE A 477 28.79 -18.30 -10.97
C PHE A 477 29.23 -18.05 -9.53
N ASN A 478 28.32 -17.52 -8.71
CA ASN A 478 28.66 -17.15 -7.35
C ASN A 478 29.14 -18.35 -6.53
N GLN A 479 28.46 -19.52 -6.62
CA GLN A 479 28.72 -20.59 -5.68
C GLN A 479 29.50 -21.80 -6.22
N SER A 480 29.57 -21.94 -7.54
N SER A 480 29.55 -22.01 -7.55
CA SER A 480 30.13 -23.16 -8.10
CA SER A 480 30.19 -23.24 -8.01
C SER A 480 31.59 -22.97 -8.53
C SER A 480 31.64 -23.01 -8.47
N TYR A 481 32.23 -21.85 -8.14
CA TYR A 481 33.60 -21.53 -8.54
C TYR A 481 34.31 -20.87 -7.36
N PRO A 482 35.59 -21.14 -7.11
CA PRO A 482 36.27 -20.51 -5.96
C PRO A 482 36.47 -19.02 -6.15
N GLU A 483 36.69 -18.28 -5.03
CA GLU A 483 36.72 -16.84 -5.07
C GLU A 483 37.80 -16.30 -5.98
N ASP A 484 38.98 -16.94 -5.95
N ASP A 484 38.99 -16.89 -5.90
CA ASP A 484 40.12 -16.42 -6.69
CA ASP A 484 40.11 -16.38 -6.70
C ASP A 484 39.87 -16.54 -8.19
C ASP A 484 39.72 -16.43 -8.17
N LEU A 485 39.16 -17.58 -8.59
CA LEU A 485 38.83 -17.77 -9.99
C LEU A 485 37.76 -16.78 -10.42
N LYS A 486 36.70 -16.65 -9.62
CA LYS A 486 35.67 -15.68 -9.91
C LYS A 486 36.27 -14.29 -10.13
N GLN A 487 37.16 -13.90 -9.22
CA GLN A 487 37.74 -12.56 -9.33
C GLN A 487 38.62 -12.40 -10.58
N LYS A 488 39.35 -13.46 -10.94
CA LYS A 488 40.16 -13.45 -12.15
C LYS A 488 39.29 -13.24 -13.39
N VAL A 489 38.18 -13.98 -13.45
CA VAL A 489 37.22 -13.88 -14.54
C VAL A 489 36.68 -12.45 -14.66
N LEU A 490 36.25 -11.86 -13.53
CA LEU A 490 35.73 -10.52 -13.52
C LEU A 490 36.81 -9.50 -13.92
N ASP A 491 38.02 -9.71 -13.42
CA ASP A 491 39.13 -8.80 -13.70
C ASP A 491 39.53 -8.84 -15.17
N ASN A 492 39.35 -9.99 -15.86
CA ASN A 492 39.77 -10.11 -17.25
C ASN A 492 38.61 -10.00 -18.23
N TRP A 493 37.39 -9.75 -17.73
CA TRP A 493 36.16 -9.80 -18.51
C TRP A 493 36.17 -8.89 -19.75
N THR A 494 36.40 -7.56 -19.57
CA THR A 494 36.30 -6.67 -20.72
C THR A 494 37.54 -6.92 -21.59
N LYS A 495 38.65 -7.27 -20.97
CA LYS A 495 39.86 -7.54 -21.70
C LYS A 495 39.63 -8.64 -22.73
N MET A 496 39.00 -9.73 -22.28
CA MET A 496 38.72 -10.88 -23.12
C MET A 496 37.79 -10.52 -24.27
N GLY A 497 36.94 -9.50 -24.15
CA GLY A 497 35.99 -9.12 -25.18
C GLY A 497 34.53 -9.07 -24.78
N PHE A 498 34.20 -9.33 -23.50
CA PHE A 498 32.82 -9.39 -23.07
C PHE A 498 32.34 -8.01 -22.64
N SER A 499 31.05 -7.88 -22.27
CA SER A 499 30.43 -6.62 -21.86
C SER A 499 30.38 -6.43 -20.35
N ASN A 500 30.56 -5.16 -19.91
CA ASN A 500 30.17 -4.72 -18.58
C ASN A 500 28.66 -4.43 -18.64
N HIS A 503 26.27 1.10 -12.36
CA HIS A 503 25.47 0.94 -11.11
C HIS A 503 24.34 1.97 -11.01
N HIS A 504 24.65 3.27 -11.19
CA HIS A 504 23.67 4.34 -10.96
C HIS A 504 22.79 4.59 -12.21
C1 BYN B . -9.39 -1.17 1.11
N1 BYN B . -10.15 -0.70 0.09
C2 BYN B . -9.60 -0.10 -1.04
C3 BYN B . -8.21 -0.02 -1.05
C4 BYN B . -7.50 -0.45 0.08
N2 BYN B . -8.09 -1.07 1.12
N3 BYN B . -7.52 0.56 -2.11
C5 BYN B . -6.22 1.02 -1.90
C6 BYN B . -5.50 0.57 -0.79
N4 BYN B . -6.13 -0.27 0.14
C7 BYN B . -5.59 1.84 -2.90
C8 BYN B . -4.25 2.24 -2.71
C9 BYN B . -3.56 1.82 -1.56
C10 BYN B . -4.20 1.04 -0.59
C11 BYN B . -8.12 0.42 -3.43
C12 BYN B . -7.19 0.91 -4.51
C13 BYN B . -6.52 2.22 -4.06
O1 BYN B . -10.09 -1.66 2.09
C14 BYN B . -2.10 2.19 -1.36
C15 BYN B . -3.53 3.14 -3.68
O2 BYN B . -8.55 -0.90 -3.73
C16 BYN B . -5.86 2.79 -5.32
C17 BYN B . -7.51 3.26 -3.55
C18 BYN B . -5.37 -0.98 1.19
O3 BYN B . -10.37 0.36 -1.92
C19 BYN B . -5.46 -0.38 2.58
C20 BYN B . -4.63 -1.20 3.56
C21 BYN B . -4.56 -0.57 4.97
C22 BYN B . -5.91 -0.15 5.51
O4 BYN B . -5.04 0.97 2.59
O5 BYN B . -5.21 -2.53 3.64
O6 BYN B . -3.92 -1.50 5.85
O7 BYN B . -5.68 0.60 6.76
P1 BYN B . -6.22 -0.04 8.14
O8 BYN B . -7.63 -0.50 7.89
O9 BYN B . -6.09 1.12 9.08
O10 BYN B . -5.22 -1.11 8.49
MN MN C . -5.51 1.23 11.21
K K D . -3.56 2.07 8.25
K K E . 9.96 -28.40 0.35
S SCN F . 6.08 -26.12 14.19
C SCN F . 6.91 -26.01 15.50
N SCN F . 7.58 -25.98 16.44
#